data_6GNP
#
_entry.id   6GNP
#
_cell.length_a   71.171
_cell.length_b   75.929
_cell.length_c   107.014
_cell.angle_alpha   90.00
_cell.angle_beta   90.00
_cell.angle_gamma   90.00
#
_symmetry.space_group_name_H-M   'P 21 21 21'
#
loop_
_entity.id
_entity.type
_entity.pdbx_description
1 polymer Transthyretin
2 non-polymer 3,5,6-trichloro-2-pyridinol
3 water water
#
_entity_poly.entity_id   1
_entity_poly.type   'polypeptide(L)'
_entity_poly.pdbx_seq_one_letter_code
;GAMAPTPTDKHGGSDTRCPLMVKILDAVKGTPAGSVALKVSQKTADGGWTQIATGVTDATGEIHNLITEQQFPAGVYRVE
FDTKAYWTNQGSTPFHEVAEVVFDAHPEGHRHYTLALLLSPFSYTTTAVVSSVHE
;
_entity_poly.pdbx_strand_id   A,B,C,D
#
# COMPACT_ATOMS: atom_id res chain seq x y z
N CYS A 18 9.22 -25.65 -1.64
CA CYS A 18 7.89 -25.08 -1.39
C CYS A 18 7.52 -24.06 -2.45
N PRO A 19 6.75 -24.45 -3.46
CA PRO A 19 6.52 -23.54 -4.59
C PRO A 19 5.61 -22.36 -4.28
N LEU A 20 4.82 -22.42 -3.21
CA LEU A 20 3.84 -21.39 -2.91
C LEU A 20 3.96 -21.03 -1.44
N MET A 21 4.31 -19.78 -1.16
CA MET A 21 4.53 -19.30 0.19
C MET A 21 3.75 -18.01 0.39
N VAL A 22 3.49 -17.69 1.64
CA VAL A 22 2.80 -16.46 1.98
C VAL A 22 3.61 -15.78 3.08
N LYS A 23 3.42 -14.47 3.20
CA LYS A 23 3.94 -13.69 4.30
C LYS A 23 2.94 -12.58 4.57
N ILE A 24 2.31 -12.61 5.74
CA ILE A 24 1.22 -11.71 6.10
C ILE A 24 1.66 -10.89 7.29
N LEU A 25 1.51 -9.57 7.17
CA LEU A 25 1.91 -8.62 8.19
C LEU A 25 0.69 -7.85 8.65
N ASP A 26 0.65 -7.56 9.93
CA ASP A 26 -0.41 -6.77 10.54
C ASP A 26 0.09 -5.33 10.66
N ALA A 27 -0.55 -4.41 9.94
CA ALA A 27 -0.12 -3.00 9.94
C ALA A 27 -0.62 -2.22 11.15
N VAL A 28 -1.50 -2.81 11.95
CA VAL A 28 -1.95 -2.13 13.16
C VAL A 28 -0.94 -2.31 14.28
N LYS A 29 -0.47 -3.54 14.46
CA LYS A 29 0.40 -3.95 15.54
C LYS A 29 1.88 -3.96 15.17
N GLY A 30 2.21 -3.96 13.90
CA GLY A 30 3.61 -4.08 13.54
C GLY A 30 4.21 -5.44 13.85
N THR A 31 3.50 -6.50 13.58
CA THR A 31 3.95 -7.87 13.74
C THR A 31 3.47 -8.64 12.54
N PRO A 32 4.03 -9.83 12.30
CA PRO A 32 3.38 -10.77 11.38
C PRO A 32 1.99 -11.11 11.89
N ALA A 33 1.09 -11.41 10.95
CA ALA A 33 -0.28 -11.80 11.28
C ALA A 33 -0.31 -13.31 11.51
N GLY A 34 -0.45 -13.70 12.77
CA GLY A 34 -0.49 -15.12 13.11
C GLY A 34 -1.92 -15.66 13.08
N SER A 35 -2.03 -16.94 12.76
CA SER A 35 -3.30 -17.67 12.79
C SER A 35 -4.28 -17.18 11.75
N VAL A 36 -3.80 -16.72 10.60
CA VAL A 36 -4.68 -16.31 9.50
C VAL A 36 -4.99 -17.57 8.69
N ALA A 37 -6.27 -17.92 8.61
CA ALA A 37 -6.70 -19.08 7.84
C ALA A 37 -6.73 -18.74 6.37
N LEU A 38 -6.32 -19.67 5.52
CA LEU A 38 -6.45 -19.46 4.10
C LEU A 38 -6.83 -20.75 3.40
N LYS A 39 -7.30 -20.58 2.16
CA LYS A 39 -7.71 -21.66 1.27
C LYS A 39 -7.06 -21.44 -0.11
N VAL A 40 -6.60 -22.51 -0.73
CA VAL A 40 -6.05 -22.47 -2.09
C VAL A 40 -7.03 -23.21 -2.98
N SER A 41 -7.48 -22.55 -4.05
CA SER A 41 -8.33 -23.16 -5.06
C SER A 41 -7.65 -23.09 -6.42
N GLN A 42 -8.03 -24.03 -7.28
CA GLN A 42 -7.57 -24.16 -8.67
C GLN A 42 -8.76 -23.88 -9.60
N LYS A 43 -8.51 -23.20 -10.70
CA LYS A 43 -9.57 -22.91 -11.64
C LYS A 43 -9.75 -24.14 -12.52
N THR A 44 -10.99 -24.56 -12.73
CA THR A 44 -11.27 -25.73 -13.58
C THR A 44 -11.21 -25.45 -15.10
N ALA A 45 -11.15 -26.52 -15.88
CA ALA A 45 -11.19 -26.38 -17.32
C ALA A 45 -12.56 -25.77 -17.58
N ASP A 46 -13.58 -26.18 -16.82
CA ASP A 46 -14.92 -25.65 -17.00
C ASP A 46 -14.98 -24.13 -16.73
N GLY A 47 -14.44 -23.64 -15.60
CA GLY A 47 -14.42 -22.21 -15.45
C GLY A 47 -14.59 -21.73 -14.02
N GLY A 48 -14.90 -22.65 -13.11
CA GLY A 48 -15.07 -22.33 -11.69
C GLY A 48 -13.84 -22.60 -10.85
N TRP A 49 -14.05 -22.66 -9.53
CA TRP A 49 -13.01 -22.88 -8.52
C TRP A 49 -13.19 -24.22 -7.81
N THR A 50 -12.08 -24.88 -7.49
CA THR A 50 -12.14 -26.04 -6.61
C THR A 50 -11.00 -26.00 -5.60
N GLN A 51 -11.34 -26.15 -4.34
CA GLN A 51 -10.38 -26.03 -3.23
C GLN A 51 -9.45 -27.24 -3.15
N ILE A 52 -8.15 -26.99 -3.11
CA ILE A 52 -7.18 -28.06 -3.09
C ILE A 52 -6.36 -28.14 -1.83
N ALA A 53 -6.33 -27.10 -1.00
CA ALA A 53 -5.53 -27.11 0.21
C ALA A 53 -6.01 -26.00 1.14
N THR A 54 -5.70 -26.15 2.44
CA THR A 54 -5.89 -25.09 3.42
C THR A 54 -4.66 -25.02 4.30
N GLY A 55 -4.56 -23.91 5.02
CA GLY A 55 -3.45 -23.67 5.92
C GLY A 55 -3.82 -22.57 6.89
N VAL A 56 -2.97 -22.41 7.91
CA VAL A 56 -3.08 -21.34 8.89
C VAL A 56 -1.67 -20.82 9.15
N THR A 57 -1.52 -19.49 9.17
CA THR A 57 -0.19 -18.93 9.37
C THR A 57 0.28 -19.15 10.79
N ASP A 58 1.56 -19.41 10.92
CA ASP A 58 2.21 -19.48 12.21
C ASP A 58 2.48 -18.05 12.69
N ALA A 59 3.24 -17.91 13.78
CA ALA A 59 3.46 -16.59 14.36
C ALA A 59 4.38 -15.69 13.54
N THR A 60 5.10 -16.21 12.54
CA THR A 60 5.87 -15.39 11.62
C THR A 60 5.05 -14.96 10.40
N GLY A 61 3.77 -15.27 10.35
CA GLY A 61 2.99 -14.86 9.19
C GLY A 61 3.18 -15.75 7.99
N GLU A 62 3.68 -16.96 8.19
CA GLU A 62 4.05 -17.86 7.11
C GLU A 62 3.32 -19.19 7.23
N ILE A 63 3.32 -19.96 6.13
CA ILE A 63 2.86 -21.34 6.15
C ILE A 63 3.90 -22.18 5.44
N HIS A 64 4.50 -23.13 6.16
CA HIS A 64 5.41 -24.09 5.54
C HIS A 64 4.62 -25.27 4.98
N ASN A 65 5.09 -25.80 3.85
CA ASN A 65 4.46 -26.95 3.24
C ASN A 65 2.97 -26.69 3.00
N LEU A 66 2.68 -25.54 2.41
CA LEU A 66 1.28 -25.25 2.11
C LEU A 66 0.75 -26.18 1.03
N ILE A 67 1.54 -26.39 -0.04
CA ILE A 67 1.23 -27.37 -1.08
C ILE A 67 2.53 -27.94 -1.59
N THR A 68 2.41 -29.12 -2.18
CA THR A 68 3.52 -29.82 -2.84
C THR A 68 3.66 -29.32 -4.27
N GLU A 69 4.87 -29.51 -4.83
CA GLU A 69 5.03 -29.18 -6.24
C GLU A 69 4.14 -30.04 -7.14
N GLN A 70 3.66 -31.20 -6.67
CA GLN A 70 2.72 -32.02 -7.44
C GLN A 70 1.31 -31.45 -7.42
N GLN A 71 0.91 -30.80 -6.33
CA GLN A 71 -0.37 -30.12 -6.30
C GLN A 71 -0.36 -28.79 -7.04
N PHE A 72 0.80 -28.32 -7.50
CA PHE A 72 0.92 -26.96 -8.02
C PHE A 72 1.36 -26.96 -9.48
N PRO A 73 0.59 -27.62 -10.36
CA PRO A 73 0.85 -27.52 -11.79
C PRO A 73 0.50 -26.14 -12.32
N ALA A 74 0.98 -25.86 -13.53
CA ALA A 74 0.64 -24.62 -14.20
C ALA A 74 -0.87 -24.46 -14.24
N GLY A 75 -1.33 -23.21 -14.13
CA GLY A 75 -2.75 -22.93 -14.15
C GLY A 75 -3.10 -21.70 -13.32
N VAL A 76 -4.39 -21.41 -13.26
CA VAL A 76 -4.87 -20.26 -12.50
C VAL A 76 -5.31 -20.72 -11.12
N TYR A 77 -4.83 -20.02 -10.10
CA TYR A 77 -5.15 -20.35 -8.73
C TYR A 77 -5.68 -19.15 -7.97
N ARG A 78 -6.47 -19.43 -6.94
CA ARG A 78 -7.00 -18.38 -6.10
C ARG A 78 -6.66 -18.68 -4.65
N VAL A 79 -6.08 -17.72 -3.95
CA VAL A 79 -5.76 -17.90 -2.54
C VAL A 79 -6.71 -16.98 -1.81
N GLU A 80 -7.53 -17.55 -0.94
CA GLU A 80 -8.52 -16.83 -0.18
C GLU A 80 -8.03 -16.70 1.25
N PHE A 81 -7.77 -15.47 1.68
CA PHE A 81 -7.29 -15.20 3.04
C PHE A 81 -8.46 -14.75 3.91
N ASP A 82 -8.65 -15.38 5.06
CA ASP A 82 -9.81 -15.08 5.89
C ASP A 82 -9.48 -13.89 6.79
N THR A 83 -9.38 -12.73 6.15
CA THR A 83 -9.03 -11.54 6.89
C THR A 83 -10.16 -11.13 7.83
N LYS A 84 -11.40 -11.40 7.49
CA LYS A 84 -12.50 -10.99 8.36
C LYS A 84 -12.40 -11.65 9.72
N ALA A 85 -12.14 -12.96 9.74
CA ALA A 85 -11.99 -13.67 10.99
C ALA A 85 -10.77 -13.19 11.75
N TYR A 86 -9.68 -12.92 11.04
CA TYR A 86 -8.49 -12.44 11.71
C TYR A 86 -8.78 -11.17 12.49
N TRP A 87 -9.40 -10.18 11.84
CA TRP A 87 -9.66 -8.91 12.51
C TRP A 87 -10.70 -9.08 13.62
N THR A 88 -11.72 -9.89 13.38
CA THR A 88 -12.71 -10.14 14.44
C THR A 88 -12.03 -10.70 15.66
N ASN A 89 -11.15 -11.70 15.48
CA ASN A 89 -10.42 -12.28 16.61
C ASN A 89 -9.42 -11.32 17.22
N GLN A 90 -9.15 -10.19 16.58
CA GLN A 90 -8.31 -9.17 17.19
C GLN A 90 -9.12 -8.15 17.95
N GLY A 91 -10.45 -8.19 17.85
CA GLY A 91 -11.31 -7.17 18.44
C GLY A 91 -11.47 -5.92 17.63
N SER A 92 -11.28 -6.00 16.32
CA SER A 92 -11.42 -4.89 15.40
C SER A 92 -12.56 -5.17 14.43
N THR A 93 -13.07 -4.11 13.79
CA THR A 93 -14.12 -4.27 12.81
C THR A 93 -13.53 -4.17 11.40
N PRO A 94 -13.53 -5.24 10.63
CA PRO A 94 -12.95 -5.21 9.29
C PRO A 94 -13.95 -4.77 8.22
N PHE A 95 -13.42 -4.29 7.10
CA PHE A 95 -14.26 -3.95 5.96
C PHE A 95 -14.49 -5.15 5.07
N HIS A 96 -13.42 -5.86 4.73
CA HIS A 96 -13.48 -6.83 3.66
C HIS A 96 -14.05 -8.10 4.20
N GLU A 97 -14.86 -8.76 3.37
CA GLU A 97 -15.39 -10.05 3.78
C GLU A 97 -14.32 -11.14 3.66
N VAL A 98 -13.35 -10.93 2.77
CA VAL A 98 -12.24 -11.85 2.51
C VAL A 98 -11.17 -11.11 1.71
N ALA A 99 -9.97 -11.64 1.60
CA ALA A 99 -9.00 -11.11 0.64
C ALA A 99 -8.62 -12.20 -0.32
N GLU A 100 -8.89 -11.97 -1.60
CA GLU A 100 -8.61 -12.95 -2.66
C GLU A 100 -7.50 -12.48 -3.58
N VAL A 101 -6.56 -13.38 -3.83
CA VAL A 101 -5.42 -13.21 -4.70
C VAL A 101 -5.53 -14.25 -5.81
N VAL A 102 -5.76 -13.80 -7.03
CA VAL A 102 -6.01 -14.67 -8.18
C VAL A 102 -4.91 -14.46 -9.19
N PHE A 103 -4.20 -15.54 -9.54
CA PHE A 103 -3.05 -15.44 -10.45
C PHE A 103 -2.89 -16.70 -11.31
N ASP A 104 -2.33 -16.48 -12.50
CA ASP A 104 -1.91 -17.59 -13.36
C ASP A 104 -0.51 -18.05 -12.95
N ALA A 105 -0.37 -19.31 -12.58
CA ALA A 105 0.92 -19.85 -12.13
C ALA A 105 1.69 -20.61 -13.22
N HIS A 106 2.99 -20.37 -13.27
CA HIS A 106 3.86 -21.02 -14.25
C HIS A 106 3.34 -20.77 -15.66
N PRO A 107 2.96 -19.47 -15.94
CA PRO A 107 2.43 -19.29 -17.30
C PRO A 107 3.47 -19.66 -18.35
N GLU A 108 4.73 -19.29 -18.13
CA GLU A 108 5.77 -19.64 -19.08
C GLU A 108 7.00 -20.21 -18.38
N GLY A 109 6.81 -21.29 -17.64
CA GLY A 109 7.90 -21.97 -16.94
C GLY A 109 7.76 -22.04 -15.42
N HIS A 110 8.03 -23.21 -14.81
CA HIS A 110 7.86 -23.37 -13.36
C HIS A 110 8.82 -22.47 -12.57
N ARG A 111 8.35 -22.02 -11.40
CA ARG A 111 9.10 -21.13 -10.50
C ARG A 111 8.39 -21.07 -9.15
N HIS A 112 8.95 -20.29 -8.23
CA HIS A 112 8.44 -20.16 -6.86
C HIS A 112 7.70 -18.84 -6.64
N TYR A 113 6.58 -18.92 -5.92
CA TYR A 113 5.69 -17.78 -5.67
C TYR A 113 5.61 -17.48 -4.17
N THR A 114 5.79 -16.21 -3.81
CA THR A 114 5.55 -15.71 -2.45
C THR A 114 4.50 -14.61 -2.53
N LEU A 115 3.38 -14.81 -1.83
CA LEU A 115 2.30 -13.82 -1.82
C LEU A 115 2.48 -13.02 -0.54
N ALA A 116 2.79 -11.74 -0.65
CA ALA A 116 2.95 -10.91 0.53
C ALA A 116 1.66 -10.15 0.72
N LEU A 117 1.22 -10.08 1.97
CA LEU A 117 -0.07 -9.47 2.28
C LEU A 117 0.06 -8.60 3.51
N LEU A 118 -0.31 -7.35 3.35
CA LEU A 118 -0.21 -6.35 4.39
C LEU A 118 -1.63 -5.97 4.80
N LEU A 119 -1.98 -6.21 6.06
CA LEU A 119 -3.37 -6.09 6.50
C LEU A 119 -3.58 -4.93 7.46
N SER A 120 -4.64 -4.17 7.18
CA SER A 120 -5.29 -3.19 8.04
C SER A 120 -6.79 -3.45 8.01
N PRO A 121 -7.54 -3.01 9.04
CA PRO A 121 -8.97 -3.38 9.07
C PRO A 121 -9.75 -2.91 7.86
N PHE A 122 -9.44 -1.74 7.29
CA PHE A 122 -10.15 -1.30 6.10
C PHE A 122 -9.25 -1.24 4.87
N SER A 123 -8.17 -2.00 4.83
CA SER A 123 -7.25 -1.94 3.70
C SER A 123 -6.37 -3.19 3.69
N TYR A 124 -6.04 -3.69 2.50
CA TYR A 124 -4.90 -4.59 2.36
C TYR A 124 -4.16 -4.33 1.05
N THR A 125 -2.91 -4.75 1.07
CA THR A 125 -1.99 -4.68 -0.05
C THR A 125 -1.58 -6.11 -0.34
N THR A 126 -1.84 -6.57 -1.56
CA THR A 126 -1.33 -7.86 -2.05
C THR A 126 -0.23 -7.58 -3.07
N THR A 127 0.92 -8.20 -2.84
CA THR A 127 2.08 -8.12 -3.72
C THR A 127 2.55 -9.54 -3.97
N ALA A 128 3.29 -9.74 -5.07
CA ALA A 128 3.84 -11.06 -5.39
C ALA A 128 5.35 -10.95 -5.63
N VAL A 129 6.11 -11.88 -5.08
CA VAL A 129 7.49 -12.08 -5.43
C VAL A 129 7.60 -13.41 -6.17
N VAL A 130 8.00 -13.36 -7.42
CA VAL A 130 8.12 -14.54 -8.28
C VAL A 130 9.58 -14.71 -8.65
N SER A 131 10.10 -15.91 -8.46
CA SER A 131 11.47 -16.23 -8.79
C SER A 131 11.55 -17.17 -9.95
N CYS B 18 -25.20 8.59 -5.15
CA CYS B 18 -24.73 7.27 -5.55
C CYS B 18 -23.99 6.60 -4.41
N PRO B 19 -24.45 5.43 -4.00
CA PRO B 19 -23.91 4.80 -2.78
C PRO B 19 -22.61 4.05 -2.98
N LEU B 20 -22.14 3.91 -4.21
CA LEU B 20 -20.97 3.07 -4.47
C LEU B 20 -20.14 3.78 -5.52
N MET B 21 -18.96 4.21 -5.13
CA MET B 21 -18.02 4.89 -6.01
C MET B 21 -16.70 4.16 -5.97
N VAL B 22 -15.87 4.41 -6.99
CA VAL B 22 -14.54 3.85 -7.01
C VAL B 22 -13.57 4.98 -7.31
N LYS B 23 -12.32 4.77 -6.93
CA LYS B 23 -11.22 5.63 -7.36
C LYS B 23 -10.03 4.75 -7.65
N ILE B 24 -9.58 4.70 -8.90
CA ILE B 24 -8.47 3.82 -9.25
C ILE B 24 -7.29 4.67 -9.71
N LEU B 25 -6.13 4.36 -9.17
CA LEU B 25 -4.90 5.09 -9.48
C LEU B 25 -3.84 4.12 -9.99
N ASP B 26 -3.00 4.65 -10.87
CA ASP B 26 -1.92 3.91 -11.51
C ASP B 26 -0.60 4.33 -10.87
N ALA B 27 0.02 3.42 -10.12
CA ALA B 27 1.21 3.74 -9.34
C ALA B 27 2.49 3.75 -10.17
N VAL B 28 2.41 3.34 -11.44
CA VAL B 28 3.54 3.40 -12.36
C VAL B 28 3.63 4.77 -13.00
N LYS B 29 2.51 5.30 -13.43
CA LYS B 29 2.49 6.55 -14.18
C LYS B 29 2.09 7.74 -13.35
N GLY B 30 1.59 7.54 -12.14
CA GLY B 30 1.09 8.66 -11.36
C GLY B 30 -0.09 9.39 -11.95
N THR B 31 -1.04 8.65 -12.50
CA THR B 31 -2.29 9.17 -13.01
C THR B 31 -3.40 8.29 -12.47
N PRO B 32 -4.65 8.75 -12.54
CA PRO B 32 -5.76 7.82 -12.36
C PRO B 32 -5.74 6.77 -13.46
N ALA B 33 -6.35 5.63 -13.16
CA ALA B 33 -6.37 4.48 -14.08
C ALA B 33 -7.64 4.59 -14.91
N GLY B 34 -7.52 5.05 -16.14
CA GLY B 34 -8.68 5.26 -16.97
C GLY B 34 -9.03 4.01 -17.75
N SER B 35 -10.30 3.89 -18.09
CA SER B 35 -10.78 2.78 -18.91
C SER B 35 -10.56 1.40 -18.28
N VAL B 36 -10.74 1.30 -16.95
CA VAL B 36 -10.73 -0.01 -16.29
C VAL B 36 -12.15 -0.53 -16.20
N ALA B 37 -12.39 -1.74 -16.72
CA ALA B 37 -13.71 -2.34 -16.66
C ALA B 37 -13.93 -2.99 -15.31
N LEU B 38 -15.16 -2.92 -14.81
CA LEU B 38 -15.48 -3.63 -13.59
C LEU B 38 -16.89 -4.19 -13.63
N LYS B 39 -17.12 -5.21 -12.81
CA LYS B 39 -18.43 -5.81 -12.60
C LYS B 39 -18.77 -5.76 -11.11
N VAL B 40 -20.02 -5.40 -10.80
CA VAL B 40 -20.57 -5.48 -9.45
C VAL B 40 -21.54 -6.67 -9.38
N SER B 41 -21.33 -7.58 -8.42
CA SER B 41 -22.22 -8.70 -8.14
C SER B 41 -22.68 -8.68 -6.71
N GLN B 42 -23.80 -9.37 -6.48
CA GLN B 42 -24.45 -9.41 -5.19
C GLN B 42 -24.61 -10.87 -4.79
N LYS B 43 -24.15 -11.21 -3.59
CA LYS B 43 -24.26 -12.58 -3.13
C LYS B 43 -25.73 -12.93 -2.93
N THR B 44 -26.12 -14.08 -3.45
CA THR B 44 -27.49 -14.58 -3.32
C THR B 44 -27.60 -15.55 -2.15
N ALA B 45 -28.86 -15.80 -1.77
CA ALA B 45 -29.15 -16.66 -0.61
C ALA B 45 -28.44 -18.01 -0.68
N ASP B 46 -28.32 -18.58 -1.88
CA ASP B 46 -27.62 -19.86 -1.99
C ASP B 46 -26.11 -19.75 -1.95
N GLY B 47 -25.57 -18.53 -1.86
CA GLY B 47 -24.13 -18.36 -1.84
C GLY B 47 -23.49 -18.13 -3.20
N GLY B 48 -24.28 -18.07 -4.27
CA GLY B 48 -23.76 -17.69 -5.57
C GLY B 48 -23.74 -16.18 -5.74
N TRP B 49 -23.55 -15.76 -6.99
CA TRP B 49 -23.38 -14.34 -7.30
C TRP B 49 -24.26 -13.92 -8.47
N THR B 50 -24.93 -12.78 -8.31
CA THR B 50 -25.76 -12.21 -9.35
C THR B 50 -25.17 -10.88 -9.77
N GLN B 51 -24.83 -10.78 -11.05
CA GLN B 51 -24.30 -9.53 -11.56
C GLN B 51 -25.39 -8.48 -11.61
N ILE B 52 -25.09 -7.30 -11.10
CA ILE B 52 -26.07 -6.22 -11.02
C ILE B 52 -25.62 -4.95 -11.70
N ALA B 53 -24.35 -4.82 -12.08
CA ALA B 53 -23.92 -3.63 -12.80
C ALA B 53 -22.55 -3.85 -13.40
N THR B 54 -22.26 -3.09 -14.44
CA THR B 54 -20.93 -3.07 -15.02
C THR B 54 -20.61 -1.63 -15.36
N GLY B 55 -19.33 -1.37 -15.58
CA GLY B 55 -18.91 0.01 -15.80
C GLY B 55 -17.49 0.04 -16.30
N VAL B 56 -17.04 1.23 -16.64
CA VAL B 56 -15.66 1.46 -17.05
C VAL B 56 -15.22 2.80 -16.50
N THR B 57 -14.08 2.84 -15.81
CA THR B 57 -13.66 4.11 -15.23
C THR B 57 -13.42 5.13 -16.34
N ASP B 58 -13.72 6.38 -16.02
CA ASP B 58 -13.39 7.51 -16.87
C ASP B 58 -11.94 7.92 -16.61
N ALA B 59 -11.53 9.04 -17.19
CA ALA B 59 -10.11 9.41 -17.14
C ALA B 59 -9.68 9.89 -15.76
N THR B 60 -10.61 10.11 -14.83
CA THR B 60 -10.29 10.40 -13.44
C THR B 60 -10.23 9.16 -12.59
N GLY B 61 -10.39 7.99 -13.18
CA GLY B 61 -10.40 6.77 -12.40
C GLY B 61 -11.68 6.55 -11.60
N GLU B 62 -12.80 7.09 -12.06
CA GLU B 62 -14.06 6.99 -11.34
C GLU B 62 -15.14 6.47 -12.28
N ILE B 63 -16.24 5.99 -11.67
CA ILE B 63 -17.46 5.66 -12.41
C ILE B 63 -18.61 6.39 -11.73
N HIS B 64 -19.19 7.35 -12.42
CA HIS B 64 -20.29 8.12 -11.84
C HIS B 64 -21.59 7.39 -12.07
N ASN B 65 -22.42 7.37 -11.05
CA ASN B 65 -23.70 6.68 -11.10
C ASN B 65 -23.52 5.22 -11.53
N LEU B 66 -22.66 4.51 -10.80
CA LEU B 66 -22.46 3.08 -11.07
C LEU B 66 -23.72 2.27 -10.75
N ILE B 67 -24.32 2.49 -9.57
CA ILE B 67 -25.60 1.88 -9.22
C ILE B 67 -26.42 2.92 -8.49
N THR B 68 -27.73 2.67 -8.43
CA THR B 68 -28.61 3.53 -7.66
C THR B 68 -28.71 3.03 -6.23
N GLU B 69 -29.20 3.92 -5.36
CA GLU B 69 -29.51 3.55 -4.00
C GLU B 69 -30.44 2.34 -3.97
N GLN B 70 -31.40 2.28 -4.89
CA GLN B 70 -32.39 1.23 -4.82
C GLN B 70 -31.80 -0.11 -5.23
N GLN B 71 -30.79 -0.11 -6.11
CA GLN B 71 -30.11 -1.35 -6.48
C GLN B 71 -29.14 -1.85 -5.42
N PHE B 72 -28.89 -1.07 -4.39
CA PHE B 72 -27.83 -1.38 -3.44
C PHE B 72 -28.38 -1.70 -2.06
N PRO B 73 -29.22 -2.73 -1.89
CA PRO B 73 -29.67 -3.08 -0.55
C PRO B 73 -28.58 -3.79 0.25
N ALA B 74 -28.85 -3.94 1.53
CA ALA B 74 -27.89 -4.59 2.42
C ALA B 74 -27.56 -5.99 1.93
N GLY B 75 -26.30 -6.36 2.06
CA GLY B 75 -25.84 -7.67 1.67
C GLY B 75 -24.40 -7.60 1.25
N VAL B 76 -23.88 -8.75 0.85
CA VAL B 76 -22.51 -8.92 0.44
C VAL B 76 -22.42 -8.60 -1.03
N TYR B 77 -21.45 -7.77 -1.40
CA TYR B 77 -21.17 -7.47 -2.78
C TYR B 77 -19.73 -7.83 -3.13
N ARG B 78 -19.53 -8.02 -4.43
CA ARG B 78 -18.25 -8.29 -5.02
C ARG B 78 -18.06 -7.30 -6.17
N VAL B 79 -16.94 -6.62 -6.14
CA VAL B 79 -16.56 -5.76 -7.23
C VAL B 79 -15.32 -6.35 -7.86
N GLU B 80 -15.42 -6.68 -9.15
N GLU B 80 -15.40 -6.65 -9.16
CA GLU B 80 -14.35 -7.32 -9.92
CA GLU B 80 -14.35 -7.32 -9.91
C GLU B 80 -13.79 -6.31 -10.89
C GLU B 80 -13.78 -6.33 -10.92
N PHE B 81 -12.50 -6.03 -10.79
CA PHE B 81 -11.81 -5.06 -11.61
C PHE B 81 -10.92 -5.82 -12.59
N ASP B 82 -11.03 -5.55 -13.89
CA ASP B 82 -10.20 -6.27 -14.88
C ASP B 82 -8.88 -5.54 -15.04
N THR B 83 -8.01 -5.72 -14.04
CA THR B 83 -6.68 -5.11 -14.06
C THR B 83 -5.73 -5.78 -15.04
N LYS B 84 -5.96 -7.05 -15.35
CA LYS B 84 -5.10 -7.73 -16.30
C LYS B 84 -5.13 -7.00 -17.64
N ALA B 85 -6.33 -6.70 -18.14
CA ALA B 85 -6.50 -6.02 -19.42
C ALA B 85 -5.89 -4.64 -19.35
N TYR B 86 -6.07 -3.95 -18.22
CA TYR B 86 -5.48 -2.63 -18.05
C TYR B 86 -3.97 -2.71 -18.22
N TRP B 87 -3.31 -3.61 -17.48
CA TRP B 87 -1.85 -3.64 -17.55
C TRP B 87 -1.38 -4.11 -18.91
N THR B 88 -2.05 -5.10 -19.50
CA THR B 88 -1.69 -5.54 -20.84
C THR B 88 -1.77 -4.39 -21.83
N ASN B 89 -2.83 -3.61 -21.76
CA ASN B 89 -2.93 -2.50 -22.66
C ASN B 89 -1.89 -1.44 -22.37
N GLN B 90 -1.49 -1.26 -21.10
CA GLN B 90 -0.40 -0.36 -20.76
C GLN B 90 0.95 -0.88 -21.21
N GLY B 91 1.04 -2.13 -21.59
CA GLY B 91 2.30 -2.69 -22.02
C GLY B 91 3.13 -3.38 -20.97
N SER B 92 2.56 -3.67 -19.82
CA SER B 92 3.23 -4.37 -18.73
C SER B 92 2.61 -5.75 -18.55
N THR B 93 3.40 -6.69 -18.10
CA THR B 93 2.86 -8.03 -17.85
C THR B 93 2.46 -8.10 -16.38
N PRO B 94 1.18 -8.26 -16.06
CA PRO B 94 0.77 -8.23 -14.65
C PRO B 94 0.77 -9.59 -13.97
N PHE B 95 0.74 -9.53 -12.65
CA PHE B 95 0.70 -10.73 -11.85
C PHE B 95 -0.72 -11.24 -11.69
N HIS B 96 -1.63 -10.36 -11.32
CA HIS B 96 -2.96 -10.77 -10.93
C HIS B 96 -3.86 -10.98 -12.15
N GLU B 97 -4.68 -12.02 -12.12
CA GLU B 97 -5.69 -12.20 -13.15
C GLU B 97 -6.78 -11.15 -13.05
N VAL B 98 -7.00 -10.63 -11.85
CA VAL B 98 -8.14 -9.77 -11.58
C VAL B 98 -7.92 -9.17 -10.19
N ALA B 99 -8.61 -8.09 -9.89
CA ALA B 99 -8.66 -7.60 -8.52
C ALA B 99 -10.10 -7.66 -8.06
N GLU B 100 -10.33 -8.33 -6.93
CA GLU B 100 -11.67 -8.45 -6.34
C GLU B 100 -11.72 -7.86 -4.94
N VAL B 101 -12.73 -7.04 -4.72
CA VAL B 101 -13.05 -6.45 -3.45
C VAL B 101 -14.42 -7.00 -3.05
N VAL B 102 -14.47 -7.71 -1.93
CA VAL B 102 -15.70 -8.32 -1.41
C VAL B 102 -15.99 -7.75 -0.04
N PHE B 103 -17.22 -7.27 0.17
CA PHE B 103 -17.57 -6.62 1.42
C PHE B 103 -19.08 -6.70 1.68
N ASP B 104 -19.40 -6.64 2.97
CA ASP B 104 -20.78 -6.58 3.46
C ASP B 104 -21.18 -5.11 3.56
N ALA B 105 -22.21 -4.72 2.80
CA ALA B 105 -22.72 -3.35 2.82
C ALA B 105 -23.94 -3.25 3.73
N HIS B 106 -23.97 -2.21 4.57
CA HIS B 106 -25.13 -1.85 5.37
C HIS B 106 -25.43 -0.39 5.06
N PRO B 107 -26.03 -0.11 3.89
CA PRO B 107 -26.09 1.28 3.42
C PRO B 107 -27.22 2.11 4.05
N GLU B 108 -27.59 1.79 5.29
CA GLU B 108 -28.57 2.58 6.02
C GLU B 108 -28.07 4.00 6.24
N GLY B 109 -29.01 4.96 6.13
CA GLY B 109 -28.76 6.35 6.46
C GLY B 109 -27.78 7.07 5.55
N HIS B 110 -28.08 7.14 4.25
CA HIS B 110 -27.19 7.75 3.24
C HIS B 110 -25.72 7.38 3.50
N ARG B 111 -25.49 6.07 3.71
CA ARG B 111 -24.14 5.55 3.96
C ARG B 111 -23.50 5.10 2.65
N HIS B 112 -22.41 5.76 2.28
CA HIS B 112 -21.79 5.61 0.98
C HIS B 112 -20.44 4.90 1.12
N TYR B 113 -20.11 4.15 0.08
CA TYR B 113 -18.89 3.37 0.00
C TYR B 113 -18.05 3.89 -1.15
N THR B 114 -16.78 4.18 -0.89
CA THR B 114 -15.80 4.44 -1.94
C THR B 114 -14.71 3.37 -1.84
N LEU B 115 -14.51 2.62 -2.93
CA LEU B 115 -13.45 1.64 -3.02
C LEU B 115 -12.29 2.31 -3.75
N ALA B 116 -11.22 2.56 -3.02
CA ALA B 116 -9.99 3.09 -3.60
C ALA B 116 -9.07 1.94 -3.95
N LEU B 117 -8.48 1.98 -5.14
CA LEU B 117 -7.61 0.93 -5.60
C LEU B 117 -6.34 1.56 -6.19
N LEU B 118 -5.20 1.14 -5.71
CA LEU B 118 -3.92 1.62 -6.19
C LEU B 118 -3.21 0.49 -6.90
N LEU B 119 -3.02 0.63 -8.20
CA LEU B 119 -2.44 -0.43 -9.02
C LEU B 119 -0.99 -0.36 -9.49
N SER B 120 -0.33 -1.50 -9.34
CA SER B 120 1.04 -1.73 -9.78
C SER B 120 0.94 -3.08 -10.49
N PRO B 121 1.82 -3.37 -11.44
CA PRO B 121 1.69 -4.64 -12.17
C PRO B 121 1.76 -5.87 -11.29
N PHE B 122 2.61 -5.86 -10.25
CA PHE B 122 2.71 -6.97 -9.33
C PHE B 122 2.16 -6.64 -7.95
N SER B 123 1.34 -5.61 -7.82
CA SER B 123 0.82 -5.25 -6.50
C SER B 123 -0.41 -4.36 -6.66
N TYR B 124 -1.36 -4.52 -5.74
CA TYR B 124 -2.39 -3.51 -5.57
C TYR B 124 -2.75 -3.36 -4.07
N THR B 125 -3.22 -2.16 -3.74
CA THR B 125 -3.75 -1.80 -2.43
C THR B 125 -5.20 -1.40 -2.61
N THR B 126 -6.07 -1.99 -1.81
CA THR B 126 -7.50 -1.71 -1.84
C THR B 126 -7.85 -1.19 -0.45
N THR B 127 -8.49 -0.04 -0.41
CA THR B 127 -8.95 0.57 0.82
C THR B 127 -10.38 0.95 0.58
N ALA B 128 -11.09 1.19 1.67
CA ALA B 128 -12.45 1.64 1.61
C ALA B 128 -12.62 2.88 2.46
N VAL B 129 -13.41 3.81 1.95
CA VAL B 129 -13.91 4.96 2.70
C VAL B 129 -15.40 4.85 2.75
N VAL B 130 -15.95 4.94 3.96
CA VAL B 130 -17.36 4.69 4.25
C VAL B 130 -17.89 5.86 5.05
N SER B 131 -18.92 6.52 4.52
CA SER B 131 -19.55 7.68 5.14
C SER B 131 -20.47 7.23 6.28
N SER B 132 -21.16 8.19 6.89
CA SER B 132 -22.03 7.88 8.02
C SER B 132 -23.45 8.32 7.74
N CYS C 18 21.04 -8.99 13.77
CA CYS C 18 21.16 -7.54 13.62
C CYS C 18 19.87 -6.87 14.06
N PRO C 19 19.98 -5.71 14.74
CA PRO C 19 18.78 -5.04 15.25
C PRO C 19 17.99 -4.22 14.23
N LEU C 20 18.52 -3.98 13.05
CA LEU C 20 17.87 -3.17 12.03
C LEU C 20 18.03 -3.87 10.67
N MET C 21 16.94 -4.44 10.17
CA MET C 21 16.97 -5.07 8.86
C MET C 21 16.05 -4.33 7.89
N VAL C 22 16.26 -4.53 6.61
CA VAL C 22 15.39 -3.96 5.59
C VAL C 22 15.04 -5.08 4.63
N LYS C 23 13.92 -4.90 3.95
CA LYS C 23 13.46 -5.83 2.90
C LYS C 23 12.74 -5.00 1.84
N ILE C 24 13.32 -4.86 0.66
CA ILE C 24 12.79 -3.97 -0.37
C ILE C 24 12.30 -4.82 -1.53
N LEU C 25 11.08 -4.56 -1.96
CA LEU C 25 10.43 -5.26 -3.05
C LEU C 25 10.11 -4.28 -4.15
N ASP C 26 10.26 -4.76 -5.39
CA ASP C 26 9.90 -4.06 -6.61
C ASP C 26 8.51 -4.55 -7.06
N ALA C 27 7.53 -3.67 -7.00
CA ALA C 27 6.15 -4.01 -7.36
C ALA C 27 5.88 -3.92 -8.86
N VAL C 28 6.82 -3.46 -9.67
CA VAL C 28 6.66 -3.52 -11.12
C VAL C 28 7.06 -4.89 -11.64
N LYS C 29 8.23 -5.37 -11.23
CA LYS C 29 8.76 -6.64 -11.70
C LYS C 29 8.38 -7.82 -10.81
N GLY C 30 7.89 -7.59 -9.60
CA GLY C 30 7.66 -8.75 -8.76
C GLY C 30 8.90 -9.46 -8.27
N THR C 31 9.94 -8.72 -7.87
CA THR C 31 11.18 -9.30 -7.37
C THR C 31 11.66 -8.46 -6.19
N PRO C 32 12.64 -8.90 -5.42
CA PRO C 32 13.30 -7.97 -4.51
C PRO C 32 13.99 -6.90 -5.31
N ALA C 33 14.14 -5.73 -4.68
CA ALA C 33 14.79 -4.61 -5.31
C ALA C 33 16.27 -4.72 -4.99
N GLY C 34 17.05 -5.11 -5.98
CA GLY C 34 18.48 -5.27 -5.79
C GLY C 34 19.22 -3.96 -5.95
N SER C 35 20.29 -3.80 -5.18
CA SER C 35 21.24 -2.71 -5.36
C SER C 35 20.61 -1.35 -5.09
N VAL C 36 19.72 -1.26 -4.09
CA VAL C 36 19.22 0.03 -3.64
C VAL C 36 20.18 0.59 -2.59
N ALA C 37 20.65 1.81 -2.80
CA ALA C 37 21.50 2.45 -1.81
C ALA C 37 20.65 3.12 -0.74
N LEU C 38 21.13 3.05 0.48
CA LEU C 38 20.46 3.71 1.59
C LEU C 38 21.47 4.25 2.61
N LYS C 39 21.00 5.19 3.41
CA LYS C 39 21.75 5.81 4.51
C LYS C 39 20.94 5.79 5.81
N VAL C 40 21.60 5.47 6.91
CA VAL C 40 21.01 5.50 8.23
C VAL C 40 21.61 6.65 9.00
N SER C 41 20.74 7.48 9.58
CA SER C 41 21.15 8.61 10.40
C SER C 41 20.43 8.64 11.74
N GLN C 42 21.10 9.24 12.71
CA GLN C 42 20.62 9.34 14.06
C GLN C 42 20.37 10.80 14.38
N LYS C 43 19.20 11.11 14.90
CA LYS C 43 18.91 12.51 15.21
C LYS C 43 19.72 12.99 16.41
N THR C 44 20.29 14.19 16.31
CA THR C 44 21.12 14.66 17.42
C THR C 44 20.32 15.52 18.38
N ALA C 45 20.87 15.68 19.58
CA ALA C 45 20.24 16.53 20.58
C ALA C 45 19.85 17.90 20.03
N ASP C 46 20.68 18.46 19.15
CA ASP C 46 20.43 19.79 18.58
C ASP C 46 19.42 19.76 17.43
N GLY C 47 18.78 18.63 17.16
CA GLY C 47 17.80 18.55 16.10
C GLY C 47 18.37 18.31 14.72
N GLY C 48 19.68 18.11 14.61
CA GLY C 48 20.30 17.72 13.37
C GLY C 48 20.33 16.22 13.22
N TRP C 49 21.06 15.76 12.18
CA TRP C 49 21.24 14.35 11.89
C TRP C 49 22.72 14.03 11.79
N THR C 50 23.10 12.85 12.31
CA THR C 50 24.44 12.29 12.14
C THR C 50 24.31 10.97 11.41
N GLN C 51 25.00 10.83 10.28
CA GLN C 51 25.01 9.57 9.56
C GLN C 51 25.76 8.51 10.36
N ILE C 52 25.18 7.32 10.49
CA ILE C 52 25.88 6.22 11.15
C ILE C 52 26.16 5.04 10.23
N ALA C 53 25.53 4.94 9.07
CA ALA C 53 25.81 3.84 8.16
C ALA C 53 25.32 4.15 6.76
N THR C 54 25.94 3.50 5.80
CA THR C 54 25.38 3.36 4.47
C THR C 54 25.31 1.86 4.14
N GLY C 55 24.61 1.55 3.06
CA GLY C 55 24.48 0.17 2.63
C GLY C 55 23.87 0.11 1.24
N VAL C 56 23.81 -1.10 0.71
CA VAL C 56 23.23 -1.33 -0.62
C VAL C 56 22.59 -2.71 -0.57
N THR C 57 21.34 -2.82 -1.01
CA THR C 57 20.68 -4.11 -0.91
C THR C 57 21.34 -5.11 -1.85
N ASP C 58 21.40 -6.36 -1.40
CA ASP C 58 21.74 -7.51 -2.22
C ASP C 58 20.55 -7.89 -3.11
N ALA C 59 20.63 -9.03 -3.78
CA ALA C 59 19.58 -9.33 -4.75
C ALA C 59 18.29 -9.83 -4.08
N THR C 60 18.32 -10.10 -2.77
CA THR C 60 17.12 -10.43 -2.02
C THR C 60 16.47 -9.21 -1.42
N GLY C 61 16.91 -8.02 -1.81
CA GLY C 61 16.36 -6.80 -1.25
C GLY C 61 16.72 -6.55 0.19
N GLU C 62 17.81 -7.13 0.67
CA GLU C 62 18.22 -7.05 2.07
C GLU C 62 19.61 -6.47 2.23
N ILE C 63 19.95 -6.17 3.48
CA ILE C 63 21.30 -5.71 3.87
C ILE C 63 21.65 -6.42 5.17
N HIS C 64 22.63 -7.31 5.11
CA HIS C 64 23.08 -8.03 6.30
C HIS C 64 23.99 -7.14 7.11
N ASN C 65 23.74 -7.10 8.42
CA ASN C 65 24.55 -6.30 9.34
C ASN C 65 24.62 -4.81 9.00
N LEU C 66 23.48 -4.20 8.70
CA LEU C 66 23.46 -2.79 8.35
C LEU C 66 24.09 -1.93 9.45
N ILE C 67 23.75 -2.20 10.72
CA ILE C 67 24.36 -1.54 11.86
C ILE C 67 24.47 -2.57 12.98
N THR C 68 25.18 -2.18 14.06
CA THR C 68 25.35 -3.03 15.23
C THR C 68 24.63 -2.45 16.44
N GLU C 69 24.51 -3.27 17.50
CA GLU C 69 23.86 -2.81 18.71
C GLU C 69 24.55 -1.56 19.26
N GLN C 70 25.88 -1.52 19.16
CA GLN C 70 26.64 -0.37 19.66
C GLN C 70 26.27 0.94 18.96
N GLN C 71 25.78 0.85 17.74
CA GLN C 71 25.41 2.04 16.97
C GLN C 71 23.97 2.48 17.20
N PHE C 72 23.24 1.81 18.06
CA PHE C 72 21.78 1.90 18.07
C PHE C 72 21.21 2.22 19.44
N PRO C 73 21.69 3.27 20.10
CA PRO C 73 21.02 3.70 21.35
C PRO C 73 19.61 4.21 21.05
N ALA C 74 18.76 4.24 22.09
CA ALA C 74 17.41 4.74 21.93
C ALA C 74 17.43 6.17 21.39
N GLY C 75 16.50 6.47 20.50
CA GLY C 75 16.47 7.78 19.86
C GLY C 75 15.78 7.69 18.51
N VAL C 76 15.67 8.84 17.84
CA VAL C 76 15.02 8.86 16.53
C VAL C 76 16.07 8.61 15.47
N TYR C 77 15.70 7.75 14.51
CA TYR C 77 16.54 7.41 13.37
C TYR C 77 15.83 7.73 12.07
N ARG C 78 16.61 7.99 11.04
CA ARG C 78 16.13 8.19 9.68
C ARG C 78 16.84 7.19 8.79
N VAL C 79 16.06 6.45 8.01
CA VAL C 79 16.61 5.62 6.95
C VAL C 79 16.18 6.22 5.63
N GLU C 80 17.16 6.60 4.82
CA GLU C 80 16.95 7.29 3.56
C GLU C 80 17.36 6.34 2.44
N PHE C 81 16.38 5.98 1.59
CA PHE C 81 16.56 5.02 0.51
C PHE C 81 16.62 5.76 -0.82
N ASP C 82 17.68 5.52 -1.62
CA ASP C 82 17.85 6.23 -2.90
C ASP C 82 17.00 5.54 -3.97
N THR C 83 15.69 5.74 -3.87
CA THR C 83 14.76 5.09 -4.80
C THR C 83 14.78 5.73 -6.18
N LYS C 84 15.08 7.03 -6.29
CA LYS C 84 15.15 7.67 -7.59
C LYS C 84 16.22 7.02 -8.47
N ALA C 85 17.41 6.77 -7.92
CA ALA C 85 18.45 6.13 -8.68
C ALA C 85 18.06 4.70 -9.04
N TYR C 86 17.30 4.03 -8.17
CA TYR C 86 16.87 2.67 -8.50
C TYR C 86 15.98 2.67 -9.72
N TRP C 87 14.99 3.58 -9.76
CA TRP C 87 14.09 3.61 -10.89
C TRP C 87 14.78 4.15 -12.13
N THR C 88 15.65 5.14 -11.96
CA THR C 88 16.41 5.63 -13.10
C THR C 88 17.19 4.48 -13.76
N ASN C 89 17.90 3.68 -12.97
CA ASN C 89 18.59 2.55 -13.56
C ASN C 89 17.62 1.53 -14.17
N GLN C 90 16.46 1.28 -13.53
CA GLN C 90 15.48 0.38 -14.14
C GLN C 90 14.91 0.93 -15.43
N GLY C 91 15.25 2.17 -15.80
CA GLY C 91 14.67 2.78 -16.97
C GLY C 91 13.24 3.25 -16.80
N SER C 92 12.87 3.67 -15.61
CA SER C 92 11.56 4.24 -15.37
C SER C 92 11.72 5.65 -14.85
N THR C 93 10.67 6.45 -14.99
CA THR C 93 10.69 7.81 -14.48
C THR C 93 10.04 7.88 -13.11
N PRO C 94 10.76 8.19 -12.02
CA PRO C 94 10.13 8.06 -10.70
C PRO C 94 9.58 9.39 -10.22
N PHE C 95 8.67 9.35 -9.25
CA PHE C 95 8.22 10.59 -8.61
C PHE C 95 9.12 11.05 -7.46
N HIS C 96 9.39 10.18 -6.50
CA HIS C 96 10.03 10.62 -5.27
C HIS C 96 11.53 10.80 -5.50
N GLU C 97 12.10 11.84 -4.87
CA GLU C 97 13.56 12.00 -4.85
C GLU C 97 14.21 10.89 -4.05
N VAL C 98 13.56 10.54 -2.95
CA VAL C 98 14.05 9.51 -2.05
C VAL C 98 12.90 9.01 -1.19
N ALA C 99 13.09 7.85 -0.57
CA ALA C 99 12.09 7.29 0.33
C ALA C 99 12.69 7.42 1.71
N GLU C 100 11.98 8.07 2.61
CA GLU C 100 12.49 8.28 3.95
C GLU C 100 11.62 7.64 5.04
N VAL C 101 12.26 6.88 5.91
CA VAL C 101 11.57 6.25 7.02
C VAL C 101 12.19 6.82 8.29
N VAL C 102 11.35 7.45 9.11
CA VAL C 102 11.79 8.05 10.36
C VAL C 102 11.02 7.44 11.51
N PHE C 103 11.71 6.99 12.55
CA PHE C 103 11.03 6.36 13.68
C PHE C 103 11.87 6.49 14.95
N ASP C 104 11.18 6.37 16.09
CA ASP C 104 11.79 6.40 17.42
C ASP C 104 12.17 4.98 17.79
N ALA C 105 13.45 4.72 17.96
CA ALA C 105 13.90 3.39 18.30
C ALA C 105 13.93 3.20 19.82
N HIS C 106 13.49 2.03 20.27
CA HIS C 106 13.49 1.58 21.66
C HIS C 106 12.73 2.57 22.53
N PRO C 107 11.58 3.08 22.09
CA PRO C 107 10.86 4.02 22.96
C PRO C 107 10.47 3.41 24.30
N GLU C 108 9.96 2.17 24.31
CA GLU C 108 9.55 1.51 25.55
C GLU C 108 10.51 0.37 25.93
N GLY C 109 11.79 0.56 25.64
CA GLY C 109 12.78 -0.49 25.77
C GLY C 109 13.19 -1.02 24.40
N HIS C 110 14.28 -1.79 24.44
CA HIS C 110 14.97 -2.19 23.23
C HIS C 110 14.18 -3.21 22.42
N ARG C 111 14.20 -3.03 21.10
CA ARG C 111 13.49 -3.87 20.15
C ARG C 111 14.37 -4.10 18.95
N HIS C 112 13.98 -5.06 18.13
CA HIS C 112 14.65 -5.36 16.87
C HIS C 112 13.68 -4.88 15.80
N TYR C 113 14.21 -4.22 14.77
CA TYR C 113 13.38 -3.66 13.71
C TYR C 113 13.65 -4.14 12.29
N THR C 114 12.57 -4.37 11.56
CA THR C 114 12.65 -4.76 10.15
C THR C 114 11.83 -3.72 9.39
N LEU C 115 12.43 -3.11 8.38
CA LEU C 115 11.72 -2.12 7.59
C LEU C 115 11.40 -2.71 6.23
N ALA C 116 10.11 -2.78 5.91
CA ALA C 116 9.67 -3.32 4.64
C ALA C 116 9.32 -2.16 3.74
N LEU C 117 9.80 -2.20 2.51
CA LEU C 117 9.56 -1.14 1.56
C LEU C 117 9.13 -1.75 0.24
N LEU C 118 7.95 -1.37 -0.23
CA LEU C 118 7.37 -1.80 -1.48
C LEU C 118 7.42 -0.62 -2.43
N LEU C 119 8.13 -0.77 -3.54
CA LEU C 119 8.45 0.32 -4.44
C LEU C 119 7.69 0.23 -5.77
N SER C 120 7.08 1.33 -6.17
CA SER C 120 6.63 1.57 -7.53
C SER C 120 7.14 2.93 -7.96
N PRO C 121 7.20 3.19 -9.26
CA PRO C 121 7.76 4.48 -9.70
C PRO C 121 7.12 5.68 -9.04
N PHE C 122 5.79 5.68 -8.88
CA PHE C 122 5.07 6.81 -8.29
C PHE C 122 4.46 6.46 -6.92
N SER C 123 4.91 5.39 -6.28
CA SER C 123 4.31 5.04 -5.01
C SER C 123 5.29 4.22 -4.19
N TYR C 124 5.23 4.39 -2.86
CA TYR C 124 5.86 3.37 -2.04
C TYR C 124 5.07 3.17 -0.75
N THR C 125 5.14 1.95 -0.22
CA THR C 125 4.57 1.57 1.06
C THR C 125 5.70 1.21 2.02
N THR C 126 5.73 1.84 3.20
CA THR C 126 6.73 1.57 4.22
C THR C 126 6.03 0.96 5.42
N THR C 127 6.48 -0.20 5.83
CA THR C 127 5.91 -0.93 6.95
C THR C 127 7.03 -1.31 7.90
N ALA C 128 6.68 -1.53 9.16
CA ALA C 128 7.65 -1.94 10.16
C ALA C 128 7.17 -3.19 10.87
N VAL C 129 8.09 -4.13 11.04
CA VAL C 129 7.91 -5.28 11.90
C VAL C 129 8.87 -5.12 13.09
N VAL C 130 8.31 -5.02 14.28
CA VAL C 130 9.05 -4.71 15.49
C VAL C 130 9.00 -5.93 16.39
N SER C 131 10.18 -6.37 16.81
CA SER C 131 10.49 -7.63 17.46
C SER C 131 9.81 -8.80 16.83
N CYS D 18 -4.47 25.94 -7.21
CA CYS D 18 -4.09 25.00 -6.18
C CYS D 18 -3.17 23.90 -6.71
N PRO D 19 -1.88 24.20 -6.88
CA PRO D 19 -0.97 23.24 -7.51
C PRO D 19 -0.58 22.06 -6.64
N LEU D 20 -0.88 22.11 -5.34
CA LEU D 20 -0.41 21.10 -4.39
C LEU D 20 -1.57 20.74 -3.49
N MET D 21 -2.04 19.50 -3.59
CA MET D 21 -3.17 19.03 -2.84
C MET D 21 -2.78 17.73 -2.15
N VAL D 22 -3.53 17.38 -1.13
CA VAL D 22 -3.30 16.15 -0.39
C VAL D 22 -4.63 15.46 -0.16
N LYS D 23 -4.56 14.15 -0.03
CA LYS D 23 -5.72 13.34 0.34
C LYS D 23 -5.19 12.27 1.28
N ILE D 24 -5.57 12.35 2.54
CA ILE D 24 -5.06 11.42 3.54
C ILE D 24 -6.22 10.57 4.01
N LEU D 25 -6.01 9.26 4.04
CA LEU D 25 -7.03 8.35 4.50
C LEU D 25 -6.53 7.52 5.66
N ASP D 26 -7.50 7.09 6.47
CA ASP D 26 -7.29 6.27 7.66
C ASP D 26 -7.72 4.85 7.34
N ALA D 27 -6.76 3.94 7.28
CA ALA D 27 -6.96 2.54 6.91
C ALA D 27 -7.42 1.67 8.07
N VAL D 28 -7.53 2.25 9.26
CA VAL D 28 -8.05 1.51 10.38
C VAL D 28 -9.55 1.67 10.48
N LYS D 29 -10.05 2.89 10.38
CA LYS D 29 -11.46 3.11 10.49
C LYS D 29 -12.16 3.41 9.18
N GLY D 30 -11.45 3.56 8.07
CA GLY D 30 -12.15 3.71 6.83
C GLY D 30 -12.76 5.08 6.63
N THR D 31 -12.06 6.10 7.03
CA THR D 31 -12.46 7.49 6.86
C THR D 31 -11.27 8.29 6.36
N PRO D 32 -11.50 9.51 5.87
CA PRO D 32 -10.37 10.40 5.66
C PRO D 32 -9.74 10.72 7.01
N ALA D 33 -8.47 11.14 6.98
CA ALA D 33 -7.71 11.42 8.20
C ALA D 33 -7.80 12.92 8.44
N GLY D 34 -8.66 13.31 9.42
CA GLY D 34 -8.84 14.70 9.76
C GLY D 34 -7.80 15.20 10.75
N SER D 35 -7.58 16.50 10.71
CA SER D 35 -6.74 17.17 11.70
C SER D 35 -5.31 16.66 11.69
N VAL D 36 -4.79 16.34 10.51
CA VAL D 36 -3.39 15.95 10.36
C VAL D 36 -2.60 17.20 10.05
N ALA D 37 -1.60 17.51 10.88
CA ALA D 37 -0.78 18.69 10.62
C ALA D 37 0.31 18.33 9.63
N LEU D 38 0.61 19.27 8.72
CA LEU D 38 1.70 19.05 7.78
C LEU D 38 2.45 20.35 7.54
N LYS D 39 3.69 20.19 7.08
CA LYS D 39 4.58 21.29 6.76
C LYS D 39 5.16 21.11 5.37
N VAL D 40 5.24 22.20 4.61
CA VAL D 40 5.85 22.21 3.28
C VAL D 40 7.16 22.96 3.35
N SER D 41 8.24 22.33 2.90
CA SER D 41 9.55 22.98 2.86
C SER D 41 10.12 22.91 1.46
N GLN D 42 10.89 23.93 1.10
CA GLN D 42 11.52 24.03 -0.21
C GLN D 42 13.02 23.91 -0.01
N LYS D 43 13.65 23.05 -0.81
CA LYS D 43 15.09 22.86 -0.70
C LYS D 43 15.82 24.09 -1.23
N THR D 44 16.87 24.50 -0.53
CA THR D 44 17.59 25.70 -0.91
C THR D 44 18.88 25.35 -1.63
N ALA D 45 19.35 26.32 -2.43
CA ALA D 45 20.60 26.15 -3.17
C ALA D 45 21.68 25.48 -2.33
N ASP D 46 21.93 25.99 -1.14
CA ASP D 46 22.93 25.40 -0.27
C ASP D 46 22.52 24.03 0.31
N GLY D 47 21.49 23.32 -0.15
CA GLY D 47 21.16 22.00 0.34
C GLY D 47 20.26 21.95 1.55
N GLY D 48 19.89 23.10 2.13
CA GLY D 48 19.04 23.14 3.29
C GLY D 48 17.56 23.21 2.93
N TRP D 49 16.73 23.23 3.98
CA TRP D 49 15.30 23.28 3.81
C TRP D 49 14.70 24.55 4.42
N THR D 50 13.87 25.23 3.63
CA THR D 50 13.21 26.43 4.10
C THR D 50 11.70 26.14 4.13
N GLN D 51 11.08 26.37 5.28
CA GLN D 51 9.65 26.13 5.43
C GLN D 51 8.88 27.21 4.69
N ILE D 52 7.94 26.82 3.84
CA ILE D 52 7.15 27.81 3.11
C ILE D 52 5.65 27.82 3.45
N ALA D 53 5.12 26.73 4.00
CA ALA D 53 3.71 26.70 4.37
C ALA D 53 3.52 25.64 5.45
N THR D 54 2.43 25.77 6.21
CA THR D 54 1.97 24.72 7.11
C THR D 54 0.45 24.72 7.06
N GLY D 55 -0.15 23.58 7.44
CA GLY D 55 -1.58 23.42 7.34
C GLY D 55 -2.05 22.20 8.12
N VAL D 56 -3.36 22.01 8.13
CA VAL D 56 -4.00 20.90 8.85
C VAL D 56 -5.14 20.38 7.99
N THR D 57 -5.22 19.05 7.83
CA THR D 57 -6.28 18.51 6.99
C THR D 57 -7.63 18.75 7.63
N ASP D 58 -8.63 19.01 6.79
CA ASP D 58 -10.00 19.09 7.24
C ASP D 58 -10.55 17.68 7.37
N ALA D 59 -11.86 17.56 7.54
CA ALA D 59 -12.45 16.26 7.82
C ALA D 59 -12.54 15.41 6.57
N THR D 60 -12.33 15.99 5.41
CA THR D 60 -12.24 15.19 4.19
C THR D 60 -10.83 14.70 3.92
N GLY D 61 -9.88 14.98 4.84
CA GLY D 61 -8.50 14.59 4.62
C GLY D 61 -7.76 15.45 3.62
N GLU D 62 -8.19 16.69 3.44
CA GLU D 62 -7.64 17.57 2.43
C GLU D 62 -7.26 18.89 3.07
N ILE D 63 -6.47 19.69 2.35
CA ILE D 63 -6.17 21.07 2.73
C ILE D 63 -6.39 21.94 1.51
N HIS D 64 -7.24 22.93 1.64
CA HIS D 64 -7.48 23.85 0.54
C HIS D 64 -6.63 25.09 0.72
N ASN D 65 -6.08 25.60 -0.39
CA ASN D 65 -5.29 26.85 -0.38
C ASN D 65 -4.07 26.71 0.52
N LEU D 66 -3.36 25.59 0.36
CA LEU D 66 -2.13 25.36 1.10
C LEU D 66 -1.00 26.25 0.59
N ILE D 67 -0.79 26.27 -0.73
CA ILE D 67 0.15 27.19 -1.37
C ILE D 67 -0.44 27.62 -2.69
N THR D 68 0.05 28.78 -3.15
CA THR D 68 -0.30 29.36 -4.45
C THR D 68 0.70 28.94 -5.51
N GLU D 69 0.30 29.11 -6.77
CA GLU D 69 1.21 28.77 -7.85
C GLU D 69 2.45 29.61 -7.74
N GLN D 70 2.28 30.87 -7.32
CA GLN D 70 3.41 31.78 -7.24
C GLN D 70 4.40 31.34 -6.16
N GLN D 71 3.91 30.68 -5.11
CA GLN D 71 4.79 30.15 -4.08
C GLN D 71 5.45 28.82 -4.44
N PHE D 72 5.18 28.25 -5.62
CA PHE D 72 5.50 26.85 -5.92
C PHE D 72 6.36 26.77 -7.18
N PRO D 73 7.51 27.43 -7.19
CA PRO D 73 8.42 27.33 -8.34
C PRO D 73 9.01 25.94 -8.47
N ALA D 74 9.61 25.68 -9.63
CA ALA D 74 10.27 24.40 -9.85
C ALA D 74 11.35 24.17 -8.80
N GLY D 75 11.54 22.91 -8.44
CA GLY D 75 12.54 22.55 -7.44
C GLY D 75 12.11 21.41 -6.54
N VAL D 76 13.00 21.03 -5.62
CA VAL D 76 12.73 19.93 -4.70
C VAL D 76 11.93 20.43 -3.51
N TYR D 77 10.86 19.71 -3.19
CA TYR D 77 10.05 20.00 -2.01
C TYR D 77 9.94 18.79 -1.10
N ARG D 78 9.58 19.08 0.14
CA ARG D 78 9.39 18.10 1.20
C ARG D 78 8.07 18.43 1.88
N VAL D 79 7.17 17.44 1.94
CA VAL D 79 5.93 17.59 2.70
C VAL D 79 6.05 16.64 3.88
N GLU D 80 5.99 17.20 5.08
N GLU D 80 6.05 17.20 5.08
CA GLU D 80 6.16 16.47 6.33
CA GLU D 80 6.15 16.45 6.32
C GLU D 80 4.80 16.37 7.01
C GLU D 80 4.76 16.36 6.93
N PHE D 81 4.32 15.14 7.20
CA PHE D 81 3.00 14.88 7.75
C PHE D 81 3.19 14.40 9.19
N ASP D 82 2.50 15.03 10.13
CA ASP D 82 2.63 14.59 11.53
C ASP D 82 1.69 13.43 11.81
N THR D 83 2.15 12.24 11.42
CA THR D 83 1.33 11.03 11.55
C THR D 83 1.32 10.52 12.97
N LYS D 84 2.41 10.76 13.69
CA LYS D 84 2.53 10.28 15.06
C LYS D 84 1.44 10.85 15.94
N ALA D 85 1.25 12.16 15.88
CA ALA D 85 0.22 12.80 16.65
C ALA D 85 -1.15 12.33 16.22
N TYR D 86 -1.36 12.14 14.91
CA TYR D 86 -2.62 11.58 14.43
C TYR D 86 -2.95 10.30 15.17
N TRP D 87 -2.00 9.37 15.25
CA TRP D 87 -2.31 8.11 15.92
C TRP D 87 -2.33 8.27 17.43
N THR D 88 -1.38 9.02 17.98
CA THR D 88 -1.34 9.23 19.43
C THR D 88 -2.65 9.80 19.94
N ASN D 89 -3.16 10.81 19.26
CA ASN D 89 -4.38 11.43 19.72
C ASN D 89 -5.58 10.51 19.62
N GLN D 90 -5.52 9.45 18.82
CA GLN D 90 -6.55 8.43 18.84
C GLN D 90 -6.29 7.35 19.86
N GLY D 91 -5.24 7.47 20.66
CA GLY D 91 -4.94 6.45 21.63
C GLY D 91 -4.28 5.21 21.07
N SER D 92 -3.91 5.20 19.80
CA SER D 92 -3.10 4.12 19.25
C SER D 92 -1.62 4.47 19.37
N THR D 93 -0.79 3.45 19.22
CA THR D 93 0.65 3.61 19.33
C THR D 93 1.27 3.43 17.95
N PRO D 94 1.89 4.46 17.36
CA PRO D 94 2.40 4.30 15.97
C PRO D 94 3.87 4.02 15.89
N PHE D 95 4.33 3.71 14.68
CA PHE D 95 5.73 3.41 14.42
C PHE D 95 6.49 4.65 13.99
N HIS D 96 5.99 5.35 12.97
CA HIS D 96 6.78 6.39 12.35
C HIS D 96 6.69 7.67 13.17
N GLU D 97 7.82 8.37 13.27
CA GLU D 97 7.83 9.69 13.89
C GLU D 97 7.11 10.72 13.01
N VAL D 98 7.13 10.52 11.70
CA VAL D 98 6.63 11.48 10.75
C VAL D 98 6.55 10.74 9.42
N ALA D 99 5.72 11.23 8.50
CA ALA D 99 5.72 10.77 7.12
C ALA D 99 6.20 11.93 6.24
N GLU D 100 7.27 11.68 5.49
CA GLU D 100 7.92 12.69 4.66
C GLU D 100 7.82 12.30 3.19
N VAL D 101 7.33 13.21 2.34
CA VAL D 101 7.21 12.97 0.91
C VAL D 101 8.09 14.02 0.24
N VAL D 102 9.14 13.56 -0.42
CA VAL D 102 10.14 14.42 -1.05
C VAL D 102 10.11 14.22 -2.57
N PHE D 103 9.96 15.31 -3.32
CA PHE D 103 9.87 15.19 -4.77
C PHE D 103 10.39 16.45 -5.45
N ASP D 104 10.82 16.29 -6.69
CA ASP D 104 11.17 17.40 -7.57
C ASP D 104 9.92 17.86 -8.33
N ALA D 105 9.59 19.13 -8.19
CA ALA D 105 8.36 19.66 -8.78
C ALA D 105 8.62 20.41 -10.08
N HIS D 106 7.74 20.19 -11.07
CA HIS D 106 7.74 20.79 -12.40
C HIS D 106 9.06 20.61 -13.14
N PRO D 107 9.70 19.45 -13.06
CA PRO D 107 11.02 19.32 -13.68
C PRO D 107 10.98 19.40 -15.20
N GLU D 108 9.77 19.33 -15.80
CA GLU D 108 9.57 19.47 -17.23
C GLU D 108 8.46 20.48 -17.55
N GLY D 109 8.09 21.33 -16.60
CA GLY D 109 6.98 22.25 -16.76
C GLY D 109 6.06 22.27 -15.55
N HIS D 110 5.27 23.33 -15.41
CA HIS D 110 4.34 23.37 -14.28
C HIS D 110 3.27 22.29 -14.44
N ARG D 111 2.72 21.87 -13.30
CA ARG D 111 1.78 20.76 -13.23
C ARG D 111 0.94 20.97 -11.98
N HIS D 112 0.03 20.03 -11.74
CA HIS D 112 -0.67 19.95 -10.47
C HIS D 112 -0.36 18.63 -9.81
N TYR D 113 -0.20 18.67 -8.48
CA TYR D 113 0.31 17.55 -7.70
C TYR D 113 -0.70 17.22 -6.60
N THR D 114 -1.11 15.96 -6.52
CA THR D 114 -1.91 15.45 -5.40
C THR D 114 -1.13 14.35 -4.71
N LEU D 115 -0.89 14.53 -3.42
CA LEU D 115 -0.19 13.56 -2.60
C LEU D 115 -1.27 12.81 -1.86
N ALA D 116 -1.44 11.54 -2.18
CA ALA D 116 -2.36 10.68 -1.48
C ALA D 116 -1.56 9.94 -0.45
N LEU D 117 -2.12 9.81 0.73
CA LEU D 117 -1.44 9.16 1.85
C LEU D 117 -2.42 8.22 2.52
N LEU D 118 -2.06 6.94 2.65
CA LEU D 118 -2.91 5.94 3.31
C LEU D 118 -2.23 5.50 4.61
N LEU D 119 -2.88 5.76 5.75
CA LEU D 119 -2.25 5.63 7.05
C LEU D 119 -2.76 4.44 7.86
N SER D 120 -1.82 3.68 8.39
CA SER D 120 -2.02 2.72 9.46
C SER D 120 -0.95 2.94 10.52
N PRO D 121 -1.17 2.45 11.75
CA PRO D 121 -0.22 2.76 12.83
C PRO D 121 1.21 2.34 12.53
N PHE D 122 1.40 1.20 11.89
CA PHE D 122 2.74 0.73 11.58
C PHE D 122 3.02 0.71 10.08
N SER D 123 2.28 1.48 9.29
CA SER D 123 2.45 1.45 7.84
C SER D 123 1.80 2.67 7.21
N TYR D 124 2.43 3.18 6.17
CA TYR D 124 1.74 4.10 5.28
C TYR D 124 2.17 3.87 3.84
N THR D 125 1.25 4.22 2.93
CA THR D 125 1.47 4.20 1.50
C THR D 125 1.35 5.63 0.97
N THR D 126 2.35 6.07 0.22
CA THR D 126 2.38 7.42 -0.34
C THR D 126 2.44 7.28 -1.86
N THR D 127 1.45 7.88 -2.53
CA THR D 127 1.32 7.92 -3.97
C THR D 127 1.17 9.36 -4.41
N ALA D 128 1.47 9.59 -5.67
CA ALA D 128 1.28 10.91 -6.24
C ALA D 128 0.46 10.82 -7.52
N VAL D 129 -0.46 11.75 -7.69
CA VAL D 129 -1.18 11.96 -8.93
C VAL D 129 -0.71 13.28 -9.49
N VAL D 130 -0.08 13.25 -10.65
CA VAL D 130 0.43 14.45 -11.30
C VAL D 130 -0.34 14.70 -12.59
N SER D 131 -0.70 15.97 -12.84
CA SER D 131 -1.38 16.35 -14.08
C SER D 131 -0.49 17.10 -15.06
#